data_6QHA
#
_entry.id   6QHA
#
_cell.length_a   58.660
_cell.length_b   45.850
_cell.length_c   90.000
_cell.angle_alpha   90.00
_cell.angle_beta   94.06
_cell.angle_gamma   90.00
#
_symmetry.space_group_name_H-M   'P 1 21 1'
#
loop_
_entity.id
_entity.type
_entity.pdbx_description
1 polymer Kallikrein-6
2 non-polymer GLYCEROL
3 non-polymer 'UNKNOWN ATOM OR ION'
4 non-polymer ~{N}-(4-carbamimidoylphenyl)-3-ethoxy-2-oxidanyl-benzamide
5 water water
#
_entity_poly.entity_id   1
_entity_poly.type   'polypeptide(L)'
_entity_poly.pdbx_seq_one_letter_code
;LVHGGPCDKTSHPYQAALYTSGHLLCGGVLIHPLWVLTAAHCKKPNLQVFLGKHNLGQQESSQEQSSVVRAVIHPDYDAA
SHDQDIMLLRLARPAKLSELIQPLPLERDCSAQTTSCHILGWGKTADGDFPDTIQCAYIHLVSREECEHAYPGQITQNML
CAGDEKYGKDSCQGDSGGPLVCGDHLRGLVSWGNIPCGSKEKPGVYTNVCRYTNWIQKTIQAK
;
_entity_poly.pdbx_strand_id   A,B
#
# COMPACT_ATOMS: atom_id res chain seq x y z
N LEU A 1 -6.88 11.19 -7.65
CA LEU A 1 -7.63 12.34 -8.16
C LEU A 1 -6.86 13.00 -9.30
N VAL A 2 -7.50 13.15 -10.48
CA VAL A 2 -6.87 13.72 -11.67
C VAL A 2 -7.21 15.23 -11.86
N HIS A 3 -6.19 16.01 -12.28
CA HIS A 3 -6.26 17.45 -12.63
C HIS A 3 -6.56 18.38 -11.44
N GLY A 4 -6.23 17.93 -10.23
CA GLY A 4 -6.40 18.71 -9.02
C GLY A 4 -5.07 19.25 -8.54
N GLY A 5 -5.01 19.55 -7.25
CA GLY A 5 -3.81 20.06 -6.61
C GLY A 5 -3.78 19.70 -5.14
N PRO A 6 -2.65 19.95 -4.43
CA PRO A 6 -2.61 19.62 -3.00
C PRO A 6 -3.65 20.38 -2.17
N CYS A 7 -4.31 19.67 -1.21
CA CYS A 7 -5.32 20.26 -0.33
C CYS A 7 -4.69 21.24 0.64
N ASP A 8 -5.49 22.14 1.22
CA ASP A 8 -5.07 23.02 2.31
C ASP A 8 -4.98 22.07 3.51
N LYS A 9 -3.87 22.12 4.28
CA LYS A 9 -3.60 21.25 5.44
C LYS A 9 -4.73 21.13 6.48
N THR A 10 -5.53 22.21 6.66
CA THR A 10 -6.61 22.29 7.67
C THR A 10 -8.03 22.07 7.10
N SER A 11 -8.14 21.86 5.79
CA SER A 11 -9.44 21.74 5.11
C SER A 11 -10.11 20.37 5.13
N HIS A 12 -9.38 19.30 5.47
CA HIS A 12 -9.93 17.95 5.37
C HIS A 12 -9.90 17.13 6.67
N PRO A 13 -10.40 17.63 7.85
CA PRO A 13 -10.29 16.84 9.09
C PRO A 13 -11.10 15.55 9.17
N TYR A 14 -12.06 15.38 8.26
CA TYR A 14 -12.97 14.24 8.16
C TYR A 14 -12.41 13.12 7.28
N GLN A 15 -11.31 13.39 6.55
CA GLN A 15 -10.72 12.42 5.64
C GLN A 15 -10.01 11.26 6.32
N ALA A 16 -10.34 10.03 5.90
CA ALA A 16 -9.71 8.81 6.36
C ALA A 16 -8.94 8.15 5.21
N ALA A 17 -7.80 7.54 5.55
CA ALA A 17 -6.96 6.75 4.65
C ALA A 17 -7.11 5.30 5.09
N LEU A 18 -7.56 4.45 4.16
CA LEU A 18 -7.79 3.02 4.42
C LEU A 18 -6.68 2.19 3.80
N TYR A 19 -6.03 1.36 4.64
CA TYR A 19 -4.91 0.49 4.26
C TYR A 19 -5.20 -1.00 4.48
N THR A 20 -4.58 -1.83 3.64
CA THR A 20 -4.57 -3.30 3.71
C THR A 20 -3.21 -3.76 3.19
N SER A 21 -2.57 -4.72 3.91
CA SER A 21 -1.24 -5.25 3.57
C SER A 21 -0.16 -4.15 3.47
N GLY A 22 -0.31 -3.11 4.29
CA GLY A 22 0.60 -1.97 4.36
C GLY A 22 0.52 -0.98 3.21
N HIS A 23 -0.50 -1.09 2.33
CA HIS A 23 -0.66 -0.20 1.18
CA HIS A 23 -0.67 -0.16 1.21
C HIS A 23 -2.00 0.55 1.23
N LEU A 24 -2.02 1.79 0.70
CA LEU A 24 -3.26 2.55 0.65
C LEU A 24 -4.22 1.84 -0.32
N LEU A 25 -5.48 1.70 0.10
CA LEU A 25 -6.50 1.03 -0.67
C LEU A 25 -7.62 1.96 -1.11
N CYS A 26 -8.16 2.72 -0.14
CA CYS A 26 -9.32 3.58 -0.32
C CYS A 26 -9.26 4.82 0.54
N GLY A 27 -10.22 5.67 0.28
CA GLY A 27 -10.55 6.83 1.08
C GLY A 27 -11.72 6.43 1.95
N GLY A 28 -12.05 7.29 2.89
CA GLY A 28 -13.15 7.11 3.83
C GLY A 28 -13.51 8.44 4.45
N VAL A 29 -14.68 8.50 5.11
CA VAL A 29 -15.17 9.71 5.77
C VAL A 29 -15.50 9.42 7.23
N LEU A 30 -14.91 10.20 8.15
CA LEU A 30 -15.23 10.10 9.57
C LEU A 30 -16.60 10.78 9.78
N ILE A 31 -17.58 10.04 10.31
CA ILE A 31 -18.94 10.59 10.51
C ILE A 31 -19.39 10.59 11.98
N HIS A 32 -18.61 9.94 12.85
CA HIS A 32 -18.87 9.76 14.28
C HIS A 32 -17.52 9.32 14.89
N PRO A 33 -17.17 9.63 16.17
CA PRO A 33 -15.88 9.15 16.71
C PRO A 33 -15.62 7.65 16.52
N LEU A 34 -16.68 6.82 16.50
CA LEU A 34 -16.55 5.37 16.33
C LEU A 34 -16.76 4.87 14.90
N TRP A 35 -17.23 5.73 13.96
CA TRP A 35 -17.56 5.23 12.63
C TRP A 35 -16.99 6.00 11.45
N VAL A 36 -16.57 5.23 10.44
CA VAL A 36 -16.05 5.70 9.16
C VAL A 36 -16.92 5.10 8.06
N LEU A 37 -17.33 5.94 7.11
CA LEU A 37 -18.12 5.57 5.95
C LEU A 37 -17.16 5.45 4.76
N THR A 38 -17.37 4.43 3.93
CA THR A 38 -16.56 4.13 2.74
C THR A 38 -17.43 3.36 1.75
N ALA A 39 -16.84 2.99 0.61
CA ALA A 39 -17.50 2.22 -0.43
C ALA A 39 -17.50 0.75 -0.04
N ALA A 40 -18.58 0.03 -0.38
CA ALA A 40 -18.64 -1.39 -0.09
C ALA A 40 -17.53 -2.19 -0.81
N HIS A 41 -17.04 -1.73 -1.99
CA HIS A 41 -16.01 -2.47 -2.72
C HIS A 41 -14.59 -2.29 -2.10
N CYS A 42 -14.48 -1.52 -0.99
CA CYS A 42 -13.25 -1.30 -0.23
C CYS A 42 -13.07 -2.36 0.87
N LYS A 43 -13.99 -3.35 0.95
CA LYS A 43 -13.89 -4.41 1.94
C LYS A 43 -12.71 -5.34 1.60
N LYS A 44 -11.66 -5.30 2.44
CA LYS A 44 -10.45 -6.11 2.32
C LYS A 44 -10.02 -6.61 3.70
N PRO A 45 -9.16 -7.65 3.83
CA PRO A 45 -8.81 -8.12 5.18
C PRO A 45 -8.04 -7.13 6.04
N ASN A 46 -8.34 -7.17 7.36
CA ASN A 46 -7.68 -6.39 8.41
C ASN A 46 -7.47 -4.91 8.06
N LEU A 47 -8.54 -4.19 7.63
CA LEU A 47 -8.46 -2.76 7.29
C LEU A 47 -7.88 -1.94 8.43
N GLN A 48 -6.92 -1.07 8.10
CA GLN A 48 -6.30 -0.15 9.04
C GLN A 48 -6.71 1.25 8.62
N VAL A 49 -7.35 1.99 9.53
CA VAL A 49 -7.88 3.33 9.29
C VAL A 49 -6.95 4.39 9.87
N PHE A 50 -6.49 5.32 9.03
CA PHE A 50 -5.65 6.42 9.45
C PHE A 50 -6.41 7.72 9.32
N LEU A 51 -6.54 8.45 10.44
CA LEU A 51 -7.20 9.75 10.55
C LEU A 51 -6.09 10.78 10.79
N GLY A 52 -6.38 12.05 10.49
CA GLY A 52 -5.45 13.16 10.68
C GLY A 52 -4.24 13.16 9.77
N LYS A 53 -4.32 12.44 8.63
CA LYS A 53 -3.24 12.37 7.63
C LYS A 53 -3.39 13.41 6.54
N HIS A 54 -2.25 13.94 6.07
CA HIS A 54 -2.16 14.87 4.95
C HIS A 54 -1.15 14.27 3.95
N ASN A 55 0.05 13.93 4.43
CA ASN A 55 1.14 13.33 3.67
C ASN A 55 1.35 11.88 4.13
N LEU A 56 1.04 10.91 3.25
CA LEU A 56 1.17 9.47 3.50
C LEU A 56 2.62 9.00 3.69
N GLY A 57 3.57 9.71 3.07
CA GLY A 57 4.99 9.38 3.15
C GLY A 57 5.72 9.78 4.41
N GLN A 58 5.07 10.55 5.32
CA GLN A 58 5.68 11.03 6.58
C GLN A 58 4.85 10.70 7.82
N GLN A 59 5.52 10.57 8.98
CA GLN A 59 4.84 10.39 10.27
C GLN A 59 4.40 11.78 10.70
N GLU A 60 3.11 11.96 10.95
CA GLU A 60 2.57 13.25 11.33
C GLU A 60 2.06 13.21 12.76
N SER A 61 2.34 14.27 13.56
CA SER A 61 1.91 14.37 14.96
C SER A 61 0.40 14.23 15.15
N SER A 62 -0.37 14.69 14.15
CA SER A 62 -1.83 14.62 14.19
C SER A 62 -2.43 13.24 13.85
N GLN A 63 -1.64 12.31 13.28
CA GLN A 63 -2.22 11.04 12.83
C GLN A 63 -2.66 10.10 13.96
N GLU A 64 -3.77 9.38 13.70
CA GLU A 64 -4.37 8.42 14.60
C GLU A 64 -4.72 7.18 13.78
N GLN A 65 -4.25 6.02 14.24
CA GLN A 65 -4.47 4.74 13.55
C GLN A 65 -5.37 3.81 14.35
N SER A 66 -6.26 3.10 13.64
CA SER A 66 -7.16 2.14 14.27
C SER A 66 -7.51 0.98 13.38
N SER A 67 -7.59 -0.22 13.97
CA SER A 67 -8.04 -1.38 13.22
C SER A 67 -9.58 -1.27 13.22
N VAL A 68 -10.24 -2.12 12.45
CA VAL A 68 -11.71 -2.13 12.33
C VAL A 68 -12.25 -3.35 13.12
N VAL A 69 -13.23 -3.13 14.02
CA VAL A 69 -13.85 -4.19 14.82
C VAL A 69 -15.11 -4.74 14.17
N ARG A 70 -15.70 -3.96 13.25
CA ARG A 70 -16.92 -4.34 12.56
C ARG A 70 -17.01 -3.65 11.20
N ALA A 71 -17.34 -4.42 10.16
CA ALA A 71 -17.54 -3.90 8.82
C ALA A 71 -18.96 -4.27 8.40
N VAL A 72 -19.78 -3.25 8.13
CA VAL A 72 -21.20 -3.41 7.80
C VAL A 72 -21.47 -2.95 6.36
N ILE A 73 -21.57 -3.91 5.42
CA ILE A 73 -21.86 -3.63 4.01
C ILE A 73 -23.37 -3.54 3.87
N HIS A 74 -23.88 -2.54 3.09
CA HIS A 74 -25.32 -2.42 2.83
C HIS A 74 -25.87 -3.77 2.35
N PRO A 75 -27.04 -4.22 2.86
CA PRO A 75 -27.56 -5.54 2.46
C PRO A 75 -27.85 -5.72 0.98
N ASP A 76 -28.10 -4.62 0.25
CA ASP A 76 -28.45 -4.64 -1.17
C ASP A 76 -27.33 -4.21 -2.11
N TYR A 77 -26.07 -4.19 -1.61
CA TYR A 77 -24.93 -3.87 -2.45
C TYR A 77 -24.78 -4.92 -3.57
N ASP A 78 -24.67 -4.46 -4.82
CA ASP A 78 -24.48 -5.32 -5.98
C ASP A 78 -23.13 -4.99 -6.62
N ALA A 79 -22.12 -5.83 -6.38
CA ALA A 79 -20.74 -5.61 -6.85
C ALA A 79 -20.59 -5.36 -8.36
N ALA A 80 -21.35 -6.06 -9.22
CA ALA A 80 -21.25 -5.89 -10.68
C ALA A 80 -21.63 -4.50 -11.19
N SER A 81 -22.72 -3.93 -10.65
CA SER A 81 -23.27 -2.64 -11.04
C SER A 81 -22.87 -1.46 -10.13
N HIS A 82 -22.25 -1.74 -8.96
CA HIS A 82 -21.88 -0.79 -7.90
C HIS A 82 -23.12 -0.17 -7.22
N ASP A 83 -24.32 -0.78 -7.38
CA ASP A 83 -25.52 -0.25 -6.74
C ASP A 83 -25.44 -0.43 -5.23
N GLN A 84 -25.76 0.66 -4.48
CA GLN A 84 -25.76 0.70 -3.01
C GLN A 84 -24.33 0.44 -2.47
N ASP A 85 -23.34 1.14 -3.07
CA ASP A 85 -21.92 0.99 -2.76
C ASP A 85 -21.55 1.76 -1.50
N ILE A 86 -21.94 1.22 -0.34
CA ILE A 86 -21.74 1.86 0.96
C ILE A 86 -21.48 0.81 2.04
N MET A 87 -20.57 1.17 2.96
CA MET A 87 -20.11 0.33 4.06
C MET A 87 -19.68 1.19 5.25
N LEU A 88 -20.13 0.80 6.45
CA LEU A 88 -19.79 1.42 7.71
C LEU A 88 -18.74 0.58 8.43
N LEU A 89 -17.68 1.26 8.90
CA LEU A 89 -16.60 0.61 9.63
C LEU A 89 -16.61 1.13 11.06
N ARG A 90 -16.70 0.22 12.03
CA ARG A 90 -16.65 0.56 13.44
C ARG A 90 -15.17 0.50 13.89
N LEU A 91 -14.66 1.62 14.43
CA LEU A 91 -13.28 1.73 14.89
C LEU A 91 -13.03 1.00 16.20
N ALA A 92 -11.85 0.33 16.31
CA ALA A 92 -11.42 -0.37 17.52
C ALA A 92 -11.07 0.67 18.59
N ARG A 93 -10.46 1.78 18.15
CA ARG A 93 -10.05 2.93 18.96
C ARG A 93 -10.80 4.18 18.45
N PRO A 94 -11.82 4.68 19.21
CA PRO A 94 -12.57 5.87 18.75
C PRO A 94 -11.67 7.07 18.47
N ALA A 95 -11.99 7.83 17.42
CA ALA A 95 -11.23 9.01 17.01
C ALA A 95 -11.04 10.01 18.14
N LYS A 96 -9.80 10.40 18.42
CA LYS A 96 -9.49 11.44 19.42
C LYS A 96 -9.57 12.74 18.63
N LEU A 97 -10.66 13.49 18.80
CA LEU A 97 -10.86 14.71 18.02
C LEU A 97 -9.83 15.78 18.29
N SER A 98 -9.49 16.53 17.23
CA SER A 98 -8.51 17.61 17.22
C SER A 98 -8.87 18.56 16.07
N GLU A 99 -8.05 19.59 15.79
CA GLU A 99 -8.35 20.48 14.67
C GLU A 99 -8.26 19.71 13.34
N LEU A 100 -7.43 18.67 13.33
CA LEU A 100 -7.15 17.86 12.15
C LEU A 100 -7.93 16.53 12.10
N ILE A 101 -8.81 16.27 13.10
CA ILE A 101 -9.69 15.10 13.19
C ILE A 101 -11.09 15.54 13.67
N GLN A 102 -12.05 15.59 12.73
CA GLN A 102 -13.43 16.02 12.99
C GLN A 102 -14.42 15.28 12.11
N PRO A 103 -15.62 14.91 12.62
CA PRO A 103 -16.59 14.24 11.75
C PRO A 103 -17.23 15.22 10.78
N LEU A 104 -17.73 14.71 9.65
CA LEU A 104 -18.41 15.54 8.68
C LEU A 104 -19.91 15.21 8.74
N PRO A 105 -20.80 16.22 8.94
CA PRO A 105 -22.24 15.92 8.97
C PRO A 105 -22.76 15.46 7.62
N LEU A 106 -23.76 14.57 7.62
CA LEU A 106 -24.34 14.02 6.40
C LEU A 106 -25.41 14.91 5.78
N GLU A 107 -25.51 14.87 4.44
CA GLU A 107 -26.58 15.57 3.74
C GLU A 107 -27.80 14.65 3.82
N ARG A 108 -28.88 15.09 4.47
CA ARG A 108 -30.09 14.29 4.64
C ARG A 108 -31.19 14.60 3.60
N ASP A 109 -31.08 15.75 2.90
CA ASP A 109 -32.04 16.19 1.90
C ASP A 109 -31.59 15.85 0.47
N CYS A 110 -32.27 14.87 -0.19
CA CYS A 110 -31.95 14.48 -1.57
C CYS A 110 -32.23 15.61 -2.58
N SER A 111 -33.11 16.56 -2.21
CA SER A 111 -33.45 17.71 -3.04
C SER A 111 -32.74 18.98 -2.54
N ALA A 112 -31.53 18.82 -1.94
CA ALA A 112 -30.71 19.92 -1.45
C ALA A 112 -30.33 20.81 -2.63
N GLN A 113 -30.52 22.13 -2.48
CA GLN A 113 -30.21 23.07 -3.54
C GLN A 113 -28.71 23.20 -3.77
N THR A 114 -28.33 23.49 -5.03
CA THR A 114 -26.97 23.58 -5.55
C THR A 114 -26.02 24.42 -4.64
N THR A 115 -24.98 23.74 -4.12
CA THR A 115 -23.92 24.29 -3.28
C THR A 115 -22.57 23.98 -3.92
N SER A 116 -21.49 24.67 -3.50
CA SER A 116 -20.13 24.44 -4.00
C SER A 116 -19.66 23.04 -3.55
N CYS A 117 -19.27 22.15 -4.51
CA CYS A 117 -18.80 20.78 -4.24
C CYS A 117 -17.30 20.59 -4.45
N HIS A 118 -16.71 19.62 -3.73
CA HIS A 118 -15.32 19.25 -3.88
C HIS A 118 -15.09 17.77 -3.54
N ILE A 119 -14.01 17.22 -4.10
CA ILE A 119 -13.57 15.84 -3.92
C ILE A 119 -12.13 15.89 -3.43
N LEU A 120 -11.65 14.80 -2.84
CA LEU A 120 -10.31 14.71 -2.30
C LEU A 120 -9.85 13.27 -2.11
N GLY A 121 -8.55 13.07 -2.12
CA GLY A 121 -8.00 11.73 -1.94
C GLY A 121 -6.57 11.53 -2.35
N TRP A 122 -6.06 10.34 -2.04
CA TRP A 122 -4.71 9.93 -2.35
C TRP A 122 -4.70 8.95 -3.55
N GLY A 123 -5.73 9.05 -4.39
CA GLY A 123 -5.86 8.22 -5.59
C GLY A 123 -4.95 8.61 -6.73
N LYS A 124 -5.04 7.86 -7.83
CA LYS A 124 -4.24 8.06 -9.05
C LYS A 124 -4.37 9.48 -9.63
N THR A 125 -3.23 10.17 -9.82
CA THR A 125 -3.18 11.51 -10.41
C THR A 125 -3.07 11.43 -11.94
N ALA A 126 -3.00 12.60 -12.61
CA ALA A 126 -2.89 12.72 -14.06
C ALA A 126 -1.70 11.97 -14.65
N ASP A 127 -0.54 11.97 -13.97
CA ASP A 127 0.68 11.29 -14.43
C ASP A 127 0.64 9.75 -14.25
N GLY A 128 -0.42 9.25 -13.63
CA GLY A 128 -0.62 7.82 -13.37
C GLY A 128 -0.04 7.32 -12.06
N ASP A 129 0.64 8.21 -11.31
CA ASP A 129 1.26 7.89 -10.02
C ASP A 129 0.29 8.09 -8.86
N PHE A 130 0.64 7.51 -7.69
CA PHE A 130 -0.13 7.64 -6.45
C PHE A 130 0.57 8.68 -5.56
N PRO A 131 -0.11 9.82 -5.24
CA PRO A 131 0.58 10.88 -4.51
C PRO A 131 0.71 10.68 -3.00
N ASP A 132 1.80 11.21 -2.42
CA ASP A 132 2.02 11.18 -0.98
C ASP A 132 1.09 12.23 -0.31
N THR A 133 0.95 13.43 -0.94
CA THR A 133 0.10 14.52 -0.44
C THR A 133 -1.32 14.42 -1.02
N ILE A 134 -2.35 14.57 -0.16
CA ILE A 134 -3.77 14.54 -0.54
C ILE A 134 -4.09 15.61 -1.58
N GLN A 135 -4.82 15.21 -2.63
CA GLN A 135 -5.25 16.06 -3.73
C GLN A 135 -6.67 16.52 -3.52
N CYS A 136 -7.01 17.70 -4.05
CA CYS A 136 -8.31 18.36 -3.95
C CYS A 136 -8.72 18.94 -5.29
N ALA A 137 -10.04 18.99 -5.55
CA ALA A 137 -10.59 19.61 -6.75
C ALA A 137 -12.04 19.98 -6.56
N TYR A 138 -12.43 21.13 -7.11
CA TYR A 138 -13.82 21.58 -7.11
C TYR A 138 -14.46 20.96 -8.33
N ILE A 139 -15.64 20.35 -8.13
CA ILE A 139 -16.45 19.75 -9.19
C ILE A 139 -17.92 20.16 -8.97
N HIS A 140 -18.78 19.87 -9.94
CA HIS A 140 -20.20 20.21 -9.85
C HIS A 140 -21.07 19.00 -10.10
N LEU A 141 -22.23 18.94 -9.44
CA LEU A 141 -23.21 17.88 -9.66
C LEU A 141 -23.73 17.98 -11.10
N VAL A 142 -23.81 16.83 -11.77
CA VAL A 142 -24.28 16.70 -13.15
C VAL A 142 -25.71 16.18 -13.08
N SER A 143 -26.63 16.75 -13.90
CA SER A 143 -28.03 16.34 -13.93
C SER A 143 -28.15 14.83 -14.18
N ARG A 144 -29.19 14.22 -13.58
CA ARG A 144 -29.45 12.79 -13.73
C ARG A 144 -29.62 12.39 -15.21
N GLU A 145 -30.28 13.25 -16.02
CA GLU A 145 -30.54 13.02 -17.45
C GLU A 145 -29.24 12.98 -18.26
N GLU A 146 -28.31 13.91 -17.99
CA GLU A 146 -26.99 13.95 -18.64
C GLU A 146 -26.18 12.74 -18.20
N CYS A 147 -26.32 12.33 -16.92
CA CYS A 147 -25.57 11.17 -16.47
C CYS A 147 -26.08 9.87 -17.06
N GLU A 148 -27.41 9.76 -17.20
CA GLU A 148 -28.06 8.59 -17.83
C GLU A 148 -27.58 8.47 -19.29
N HIS A 149 -27.46 9.60 -20.02
CA HIS A 149 -26.96 9.61 -21.40
C HIS A 149 -25.49 9.14 -21.48
N ALA A 150 -24.68 9.51 -20.48
CA ALA A 150 -23.26 9.13 -20.38
C ALA A 150 -23.10 7.62 -20.12
N TYR A 151 -23.97 7.06 -19.26
CA TYR A 151 -23.92 5.65 -18.88
C TYR A 151 -25.32 5.02 -19.04
N PRO A 152 -25.78 4.75 -20.29
CA PRO A 152 -27.14 4.22 -20.49
C PRO A 152 -27.41 2.93 -19.72
N GLY A 153 -28.51 2.94 -18.96
CA GLY A 153 -29.01 1.83 -18.15
C GLY A 153 -28.24 1.51 -16.87
N GLN A 154 -27.18 2.28 -16.55
CA GLN A 154 -26.28 2.04 -15.41
C GLN A 154 -26.50 2.93 -14.17
N ILE A 155 -27.23 4.06 -14.29
CA ILE A 155 -27.41 4.99 -13.17
C ILE A 155 -28.72 4.75 -12.41
N THR A 156 -28.60 4.41 -11.12
CA THR A 156 -29.74 4.18 -10.24
C THR A 156 -29.98 5.43 -9.38
N GLN A 157 -31.07 5.42 -8.61
CA GLN A 157 -31.47 6.47 -7.67
C GLN A 157 -30.48 6.55 -6.48
N ASN A 158 -29.67 5.50 -6.29
CA ASN A 158 -28.66 5.38 -5.24
C ASN A 158 -27.32 5.93 -5.69
N MET A 159 -27.29 6.57 -6.87
CA MET A 159 -26.09 7.17 -7.43
C MET A 159 -26.32 8.64 -7.75
N LEU A 160 -25.23 9.42 -7.70
N LEU A 160 -25.22 9.40 -7.68
CA LEU A 160 -25.16 10.85 -7.97
CA LEU A 160 -25.13 10.83 -7.99
C LEU A 160 -23.94 11.13 -8.84
C LEU A 160 -23.98 10.99 -8.98
N CYS A 161 -24.09 11.98 -9.86
CA CYS A 161 -22.98 12.24 -10.77
C CYS A 161 -22.45 13.64 -10.62
N ALA A 162 -21.13 13.76 -10.71
CA ALA A 162 -20.41 15.01 -10.57
C ALA A 162 -19.13 14.99 -11.38
N GLY A 163 -18.77 16.16 -11.88
CA GLY A 163 -17.57 16.32 -12.67
C GLY A 163 -17.24 17.76 -12.97
N ASP A 164 -16.30 17.95 -13.91
CA ASP A 164 -15.79 19.24 -14.33
C ASP A 164 -15.66 19.37 -15.85
N GLU A 165 -16.49 20.24 -16.46
CA GLU A 165 -16.45 20.50 -17.90
C GLU A 165 -15.10 21.04 -18.41
N LYS A 166 -14.44 21.93 -17.62
CA LYS A 166 -13.22 22.63 -18.00
C LYS A 166 -11.98 21.73 -18.16
N TYR A 167 -11.53 21.04 -17.10
CA TYR A 167 -10.33 20.19 -17.15
C TYR A 167 -10.63 18.69 -16.97
N GLY A 168 -11.87 18.35 -16.65
CA GLY A 168 -12.24 16.96 -16.40
C GLY A 168 -11.74 16.48 -15.06
N LYS A 169 -11.65 17.39 -14.05
CA LYS A 169 -11.24 17.10 -12.68
C LYS A 169 -12.13 15.96 -12.21
N ASP A 170 -11.53 14.86 -11.74
CA ASP A 170 -12.29 13.67 -11.39
C ASP A 170 -11.60 12.82 -10.34
N SER A 171 -12.36 11.96 -9.63
N SER A 171 -12.37 11.95 -9.66
CA SER A 171 -11.78 11.03 -8.67
CA SER A 171 -11.86 10.98 -8.69
C SER A 171 -11.26 9.81 -9.46
C SER A 171 -11.28 9.79 -9.47
N CYS A 172 -10.46 8.94 -8.83
CA CYS A 172 -9.83 7.79 -9.51
C CYS A 172 -9.63 6.60 -8.57
N GLN A 173 -8.97 5.52 -9.05
CA GLN A 173 -8.63 4.35 -8.24
C GLN A 173 -7.77 4.85 -7.08
N GLY A 174 -8.13 4.44 -5.85
CA GLY A 174 -7.44 4.88 -4.65
C GLY A 174 -8.26 5.89 -3.86
N ASP A 175 -9.11 6.66 -4.56
CA ASP A 175 -10.01 7.65 -3.95
C ASP A 175 -11.33 7.03 -3.50
N SER A 176 -11.65 5.80 -3.97
CA SER A 176 -12.91 5.12 -3.63
C SER A 176 -13.25 5.14 -2.16
N GLY A 177 -14.50 5.45 -1.85
CA GLY A 177 -14.97 5.55 -0.48
C GLY A 177 -14.74 6.90 0.15
N GLY A 178 -13.98 7.74 -0.56
CA GLY A 178 -13.67 9.12 -0.19
C GLY A 178 -14.87 10.03 -0.39
N PRO A 179 -14.86 11.23 0.22
CA PRO A 179 -16.04 12.09 0.16
C PRO A 179 -16.23 13.03 -1.02
N LEU A 180 -17.50 13.23 -1.39
CA LEU A 180 -17.95 14.26 -2.31
C LEU A 180 -18.63 15.23 -1.32
N VAL A 181 -17.99 16.38 -1.05
CA VAL A 181 -18.50 17.35 -0.06
C VAL A 181 -19.21 18.50 -0.76
N CYS A 182 -20.46 18.77 -0.37
CA CYS A 182 -21.26 19.86 -0.94
C CYS A 182 -21.83 20.69 0.20
N GLY A 183 -21.45 21.97 0.24
CA GLY A 183 -21.88 22.91 1.27
C GLY A 183 -21.63 22.40 2.67
N ASP A 184 -20.37 21.99 2.95
CA ASP A 184 -19.86 21.45 4.22
C ASP A 184 -20.65 20.24 4.75
N HIS A 185 -21.17 19.42 3.85
CA HIS A 185 -21.94 18.22 4.16
C HIS A 185 -21.54 17.07 3.25
N LEU A 186 -21.60 15.82 3.75
CA LEU A 186 -21.30 14.65 2.94
C LEU A 186 -22.47 14.38 1.98
N ARG A 187 -22.25 14.63 0.69
CA ARG A 187 -23.24 14.43 -0.37
C ARG A 187 -23.03 13.10 -1.08
N GLY A 188 -21.77 12.69 -1.23
CA GLY A 188 -21.46 11.44 -1.89
C GLY A 188 -20.20 10.72 -1.46
N LEU A 189 -20.07 9.48 -1.93
CA LEU A 189 -18.89 8.63 -1.73
C LEU A 189 -18.36 8.24 -3.11
N VAL A 190 -17.04 8.33 -3.34
CA VAL A 190 -16.42 7.94 -4.62
C VAL A 190 -16.73 6.45 -4.85
N SER A 191 -17.36 6.12 -5.99
CA SER A 191 -17.77 4.75 -6.28
C SER A 191 -17.17 4.21 -7.58
N TRP A 192 -17.56 4.79 -8.73
CA TRP A 192 -17.06 4.38 -10.05
C TRP A 192 -17.10 5.53 -11.05
N GLY A 193 -16.69 5.26 -12.29
CA GLY A 193 -16.69 6.27 -13.34
C GLY A 193 -15.81 5.94 -14.51
N ASN A 194 -15.43 6.98 -15.27
CA ASN A 194 -14.62 6.86 -16.46
C ASN A 194 -13.21 6.31 -16.19
N ILE A 195 -12.79 5.37 -17.05
CA ILE A 195 -11.46 4.75 -17.04
C ILE A 195 -10.90 4.89 -18.48
N PRO A 196 -9.78 5.65 -18.70
CA PRO A 196 -8.99 6.40 -17.71
C PRO A 196 -9.81 7.52 -17.09
N CYS A 197 -9.46 7.94 -15.87
CA CYS A 197 -10.19 8.96 -15.13
C CYS A 197 -10.16 10.33 -15.82
N GLY A 198 -11.29 11.01 -15.77
CA GLY A 198 -11.54 12.29 -16.42
C GLY A 198 -13.03 12.44 -16.63
N SER A 199 -13.57 13.58 -16.19
CA SER A 199 -15.01 13.85 -16.18
C SER A 199 -15.55 14.88 -17.19
N LYS A 200 -14.78 15.26 -18.22
CA LYS A 200 -15.26 16.24 -19.21
C LYS A 200 -16.58 15.82 -19.86
N GLU A 201 -16.77 14.50 -20.11
CA GLU A 201 -17.96 13.97 -20.77
C GLU A 201 -18.69 12.91 -19.98
N LYS A 202 -17.94 11.99 -19.35
CA LYS A 202 -18.50 10.93 -18.54
C LYS A 202 -18.20 11.29 -17.08
N PRO A 203 -19.22 11.77 -16.34
CA PRO A 203 -18.97 12.21 -14.96
C PRO A 203 -18.63 11.08 -14.01
N GLY A 204 -18.02 11.44 -12.88
CA GLY A 204 -17.73 10.49 -11.82
C GLY A 204 -19.06 10.08 -11.19
N VAL A 205 -19.18 8.80 -10.81
CA VAL A 205 -20.40 8.29 -10.19
C VAL A 205 -20.12 8.07 -8.72
N TYR A 206 -21.03 8.59 -7.88
CA TYR A 206 -20.91 8.61 -6.44
C TYR A 206 -22.09 7.98 -5.76
N THR A 207 -21.87 7.32 -4.60
CA THR A 207 -22.99 6.78 -3.83
C THR A 207 -23.80 7.99 -3.32
N ASN A 208 -25.13 7.96 -3.52
CA ASN A 208 -26.03 9.02 -3.11
C ASN A 208 -26.33 8.86 -1.61
N VAL A 209 -25.47 9.49 -0.77
CA VAL A 209 -25.48 9.40 0.70
C VAL A 209 -26.85 9.75 1.35
N CYS A 210 -27.58 10.78 0.83
CA CYS A 210 -28.91 11.18 1.34
C CYS A 210 -29.90 10.03 1.44
N ARG A 211 -29.77 9.03 0.56
CA ARG A 211 -30.64 7.85 0.50
C ARG A 211 -30.42 6.89 1.67
N TYR A 212 -29.28 7.00 2.40
CA TYR A 212 -28.89 6.06 3.44
C TYR A 212 -29.00 6.56 4.89
N THR A 213 -29.71 7.69 5.12
CA THR A 213 -29.93 8.30 6.44
C THR A 213 -30.42 7.30 7.48
N ASN A 214 -31.55 6.60 7.19
CA ASN A 214 -32.17 5.64 8.09
C ASN A 214 -31.27 4.43 8.36
N TRP A 215 -30.65 3.85 7.29
CA TRP A 215 -29.75 2.70 7.40
C TRP A 215 -28.50 3.03 8.23
N ILE A 216 -27.88 4.20 7.97
CA ILE A 216 -26.70 4.63 8.73
C ILE A 216 -27.07 4.79 10.22
N GLN A 217 -28.17 5.52 10.52
CA GLN A 217 -28.63 5.73 11.90
C GLN A 217 -28.98 4.41 12.58
N LYS A 218 -29.68 3.50 11.86
CA LYS A 218 -30.06 2.20 12.41
C LYS A 218 -28.82 1.35 12.73
N THR A 219 -27.79 1.36 11.86
CA THR A 219 -26.55 0.60 12.05
C THR A 219 -25.75 1.12 13.26
N ILE A 220 -25.57 2.45 13.36
CA ILE A 220 -24.84 3.10 14.46
C ILE A 220 -25.49 2.83 15.83
N GLN A 221 -26.84 2.91 15.90
CA GLN A 221 -27.64 2.71 17.13
C GLN A 221 -27.86 1.22 17.51
N ALA A 222 -27.65 0.27 16.57
CA ALA A 222 -27.86 -1.18 16.77
C ALA A 222 -27.13 -1.78 17.98
N LEU B 1 14.99 0.23 6.49
CA LEU B 1 15.08 -0.61 7.67
C LEU B 1 15.07 0.28 8.91
N VAL B 2 14.11 0.01 9.82
CA VAL B 2 13.90 0.81 11.03
C VAL B 2 14.56 0.21 12.28
N HIS B 3 15.14 1.12 13.12
CA HIS B 3 15.77 0.88 14.42
C HIS B 3 17.03 0.00 14.36
N GLY B 4 17.66 -0.04 13.20
CA GLY B 4 18.90 -0.77 13.00
C GLY B 4 20.07 0.18 13.11
N GLY B 5 21.13 -0.15 12.39
CA GLY B 5 22.34 0.66 12.35
C GLY B 5 23.15 0.31 11.12
N PRO B 6 24.22 1.06 10.82
CA PRO B 6 25.03 0.73 9.64
C PRO B 6 25.64 -0.67 9.71
N CYS B 7 25.60 -1.42 8.58
CA CYS B 7 26.19 -2.76 8.49
C CYS B 7 27.69 -2.67 8.55
N ASP B 8 28.33 -3.78 8.96
CA ASP B 8 29.76 -3.99 8.91
C ASP B 8 30.01 -4.16 7.40
N LYS B 9 30.93 -3.34 6.84
CA LYS B 9 31.31 -3.27 5.41
C LYS B 9 31.54 -4.60 4.69
N THR B 10 32.08 -5.61 5.38
CA THR B 10 32.43 -6.93 4.85
C THR B 10 31.37 -8.02 5.13
N SER B 11 30.25 -7.68 5.80
CA SER B 11 29.24 -8.67 6.18
C SER B 11 28.09 -8.91 5.17
N HIS B 12 28.02 -8.14 4.08
CA HIS B 12 26.89 -8.28 3.14
C HIS B 12 27.31 -8.48 1.64
N PRO B 13 28.22 -9.43 1.28
CA PRO B 13 28.62 -9.55 -0.14
C PRO B 13 27.56 -10.02 -1.13
N TYR B 14 26.46 -10.59 -0.62
CA TYR B 14 25.34 -11.09 -1.39
C TYR B 14 24.30 -10.01 -1.66
N GLN B 15 24.39 -8.85 -0.97
CA GLN B 15 23.39 -7.79 -1.14
C GLN B 15 23.44 -7.11 -2.51
N ALA B 16 22.26 -6.98 -3.13
CA ALA B 16 22.09 -6.27 -4.39
C ALA B 16 21.21 -5.04 -4.16
N ALA B 17 21.45 -3.96 -4.92
CA ALA B 17 20.64 -2.75 -4.90
C ALA B 17 20.03 -2.65 -6.29
N LEU B 18 18.68 -2.57 -6.34
CA LEU B 18 17.89 -2.52 -7.58
C LEU B 18 17.44 -1.10 -7.87
N TYR B 19 17.83 -0.60 -9.05
CA TYR B 19 17.51 0.75 -9.51
C TYR B 19 16.62 0.75 -10.75
N THR B 20 15.75 1.76 -10.86
CA THR B 20 14.88 2.00 -12.02
C THR B 20 14.91 3.49 -12.33
N SER B 21 15.35 3.84 -13.57
CA SER B 21 15.48 5.21 -14.07
C SER B 21 16.30 6.13 -13.13
N GLY B 22 17.34 5.57 -12.51
CA GLY B 22 18.21 6.28 -11.58
C GLY B 22 17.66 6.43 -10.18
N HIS B 23 16.55 5.73 -9.88
CA HIS B 23 15.94 5.76 -8.55
C HIS B 23 16.07 4.41 -7.88
N LEU B 24 16.39 4.40 -6.57
CA LEU B 24 16.49 3.20 -5.78
C LEU B 24 15.10 2.62 -5.58
N LEU B 25 14.91 1.36 -5.97
CA LEU B 25 13.61 0.71 -5.90
C LEU B 25 13.51 -0.41 -4.86
N CYS B 26 14.47 -1.35 -4.89
CA CYS B 26 14.44 -2.54 -4.06
C CYS B 26 15.81 -3.06 -3.67
N GLY B 27 15.80 -3.99 -2.74
CA GLY B 27 16.94 -4.79 -2.35
C GLY B 27 16.87 -6.06 -3.18
N GLY B 28 17.89 -6.89 -3.04
CA GLY B 28 18.00 -8.16 -3.74
C GLY B 28 19.13 -9.00 -3.18
N VAL B 29 19.17 -10.28 -3.57
CA VAL B 29 20.17 -11.25 -3.10
C VAL B 29 20.82 -11.94 -4.28
N LEU B 30 22.15 -11.87 -4.37
CA LEU B 30 22.90 -12.60 -5.39
C LEU B 30 22.88 -14.07 -4.95
N ILE B 31 22.39 -14.99 -5.80
CA ILE B 31 22.31 -16.41 -5.44
C ILE B 31 23.15 -17.29 -6.38
N HIS B 32 23.59 -16.71 -7.51
CA HIS B 32 24.38 -17.34 -8.57
C HIS B 32 25.04 -16.22 -9.38
N PRO B 33 26.26 -16.40 -9.96
CA PRO B 33 26.89 -15.33 -10.74
C PRO B 33 25.99 -14.64 -11.78
N LEU B 34 25.01 -15.36 -12.36
CA LEU B 34 24.09 -14.82 -13.37
C LEU B 34 22.72 -14.41 -12.81
N TRP B 35 22.40 -14.81 -11.55
CA TRP B 35 21.07 -14.60 -10.98
C TRP B 35 20.99 -13.90 -9.63
N VAL B 36 20.06 -12.94 -9.55
CA VAL B 36 19.69 -12.18 -8.38
C VAL B 36 18.22 -12.50 -8.08
N LEU B 37 17.92 -12.79 -6.82
CA LEU B 37 16.60 -13.08 -6.30
C LEU B 37 16.07 -11.82 -5.61
N THR B 38 14.78 -11.49 -5.82
CA THR B 38 14.10 -10.32 -5.27
C THR B 38 12.60 -10.61 -5.17
N ALA B 39 11.81 -9.65 -4.65
CA ALA B 39 10.36 -9.78 -4.55
C ALA B 39 9.74 -9.50 -5.91
N ALA B 40 8.66 -10.22 -6.23
CA ALA B 40 7.92 -10.04 -7.47
C ALA B 40 7.33 -8.63 -7.63
N HIS B 41 7.00 -7.93 -6.51
CA HIS B 41 6.44 -6.58 -6.61
C HIS B 41 7.51 -5.51 -6.95
N CYS B 42 8.78 -5.94 -7.14
CA CYS B 42 9.91 -5.10 -7.55
C CYS B 42 10.04 -5.06 -9.10
N LYS B 43 9.14 -5.77 -9.84
CA LYS B 43 9.16 -5.79 -11.31
C LYS B 43 8.97 -4.40 -11.93
N LYS B 44 9.94 -4.01 -12.78
CA LYS B 44 9.98 -2.77 -13.55
C LYS B 44 10.54 -3.07 -14.95
N PRO B 45 10.23 -2.25 -16.00
CA PRO B 45 10.69 -2.58 -17.36
C PRO B 45 12.21 -2.50 -17.64
N ASN B 46 12.97 -1.66 -16.91
CA ASN B 46 14.42 -1.53 -17.13
C ASN B 46 15.23 -1.46 -15.81
N LEU B 47 15.31 -2.61 -15.12
CA LEU B 47 16.03 -2.73 -13.84
C LEU B 47 17.55 -2.76 -13.98
N GLN B 48 18.24 -2.04 -13.08
CA GLN B 48 19.69 -1.97 -13.01
C GLN B 48 20.15 -2.54 -11.67
N VAL B 49 21.01 -3.55 -11.70
CA VAL B 49 21.51 -4.22 -10.49
C VAL B 49 22.91 -3.74 -10.13
N PHE B 50 23.08 -3.24 -8.90
CA PHE B 50 24.37 -2.86 -8.34
C PHE B 50 24.75 -3.86 -7.27
N LEU B 51 25.91 -4.50 -7.49
CA LEU B 51 26.52 -5.48 -6.61
C LEU B 51 27.76 -4.86 -6.02
N GLY B 52 28.18 -5.37 -4.87
CA GLY B 52 29.36 -4.90 -4.16
C GLY B 52 29.26 -3.49 -3.58
N LYS B 53 28.02 -2.99 -3.37
CA LYS B 53 27.77 -1.67 -2.81
C LYS B 53 27.59 -1.71 -1.30
N HIS B 54 27.99 -0.62 -0.64
CA HIS B 54 27.85 -0.43 0.80
C HIS B 54 27.24 0.96 1.03
N ASN B 55 27.89 2.00 0.50
CA ASN B 55 27.47 3.39 0.58
C ASN B 55 27.03 3.86 -0.83
N LEU B 56 25.71 4.16 -0.99
CA LEU B 56 25.13 4.62 -2.26
C LEU B 56 25.63 6.00 -2.70
N GLY B 57 26.12 6.79 -1.73
CA GLY B 57 26.63 8.14 -1.95
C GLY B 57 28.05 8.26 -2.44
N GLN B 58 28.68 7.14 -2.84
CA GLN B 58 30.04 7.14 -3.38
C GLN B 58 30.29 5.98 -4.32
N GLN B 59 31.27 6.14 -5.22
CA GLN B 59 31.66 5.08 -6.14
C GLN B 59 32.70 4.22 -5.42
N GLU B 60 32.38 2.94 -5.28
CA GLU B 60 33.21 1.99 -4.56
C GLU B 60 34.01 1.09 -5.49
N SER B 61 35.29 0.82 -5.14
CA SER B 61 36.20 0.02 -5.96
C SER B 61 35.71 -1.40 -6.26
N SER B 62 34.92 -1.97 -5.34
CA SER B 62 34.36 -3.32 -5.46
C SER B 62 33.02 -3.39 -6.19
N GLN B 63 32.41 -2.26 -6.57
CA GLN B 63 31.07 -2.32 -7.17
C GLN B 63 31.06 -2.77 -8.63
N GLU B 64 29.91 -3.31 -9.04
CA GLU B 64 29.63 -3.79 -10.38
C GLU B 64 28.18 -3.48 -10.70
N GLN B 65 27.96 -2.97 -11.92
CA GLN B 65 26.63 -2.65 -12.41
C GLN B 65 26.32 -3.48 -13.65
N SER B 66 25.08 -3.98 -13.73
CA SER B 66 24.59 -4.76 -14.85
C SER B 66 23.10 -4.52 -15.02
N SER B 67 22.65 -4.50 -16.28
CA SER B 67 21.24 -4.38 -16.60
C SER B 67 20.61 -5.78 -16.47
N VAL B 68 19.29 -5.84 -16.40
CA VAL B 68 18.59 -7.13 -16.32
C VAL B 68 18.15 -7.47 -17.74
N VAL B 69 18.54 -8.66 -18.23
CA VAL B 69 18.18 -9.13 -19.57
C VAL B 69 16.86 -9.90 -19.55
N ARG B 70 16.59 -10.61 -18.43
CA ARG B 70 15.38 -11.41 -18.26
C ARG B 70 14.89 -11.39 -16.82
N ALA B 71 13.62 -11.01 -16.62
CA ALA B 71 12.96 -11.01 -15.34
C ALA B 71 11.97 -12.17 -15.34
N VAL B 72 12.09 -13.09 -14.37
CA VAL B 72 11.21 -14.26 -14.25
C VAL B 72 10.40 -14.18 -12.94
N ILE B 73 9.23 -13.53 -13.01
CA ILE B 73 8.29 -13.39 -11.87
C ILE B 73 7.68 -14.77 -11.64
N HIS B 74 7.43 -15.16 -10.36
CA HIS B 74 6.81 -16.46 -10.09
C HIS B 74 5.48 -16.55 -10.83
N PRO B 75 5.21 -17.66 -11.57
CA PRO B 75 3.95 -17.77 -12.33
C PRO B 75 2.69 -17.58 -11.51
N ASP B 76 2.73 -17.98 -10.23
CA ASP B 76 1.60 -17.90 -9.30
C ASP B 76 1.61 -16.67 -8.37
N TYR B 77 2.32 -15.59 -8.75
CA TYR B 77 2.34 -14.37 -7.95
C TYR B 77 0.99 -13.66 -7.99
N ASP B 78 0.45 -13.32 -6.80
CA ASP B 78 -0.81 -12.62 -6.63
C ASP B 78 -0.45 -11.26 -6.02
N ALA B 79 -0.45 -10.19 -6.83
CA ALA B 79 -0.08 -8.84 -6.40
C ALA B 79 -0.90 -8.27 -5.23
N ALA B 80 -2.20 -8.59 -5.18
CA ALA B 80 -3.10 -8.09 -4.13
C ALA B 80 -2.74 -8.59 -2.73
N SER B 81 -2.51 -9.89 -2.59
CA SER B 81 -2.19 -10.58 -1.33
C SER B 81 -0.69 -10.80 -1.05
N HIS B 82 0.20 -10.47 -2.04
CA HIS B 82 1.66 -10.67 -2.01
CA HIS B 82 1.66 -10.66 -2.00
C HIS B 82 2.02 -12.16 -1.97
N ASP B 83 1.05 -13.07 -2.22
CA ASP B 83 1.35 -14.51 -2.21
C ASP B 83 2.28 -14.88 -3.35
N GLN B 84 3.35 -15.66 -3.04
CA GLN B 84 4.39 -16.10 -3.98
C GLN B 84 5.18 -14.86 -4.49
N ASP B 85 5.59 -13.98 -3.56
CA ASP B 85 6.31 -12.73 -3.84
C ASP B 85 7.79 -12.98 -4.12
N ILE B 86 8.07 -13.55 -5.29
CA ILE B 86 9.43 -13.93 -5.67
C ILE B 86 9.65 -13.75 -7.18
N MET B 87 10.82 -13.21 -7.52
CA MET B 87 11.24 -12.97 -8.90
C MET B 87 12.73 -13.24 -9.03
N LEU B 88 13.09 -13.89 -10.16
CA LEU B 88 14.46 -14.19 -10.53
C LEU B 88 14.90 -13.22 -11.60
N LEU B 89 16.07 -12.61 -11.41
CA LEU B 89 16.63 -11.62 -12.33
C LEU B 89 17.90 -12.16 -12.97
N ARG B 90 17.88 -12.27 -14.30
CA ARG B 90 19.01 -12.75 -15.08
C ARG B 90 19.88 -11.55 -15.46
N LEU B 91 21.12 -11.54 -14.95
CA LEU B 91 22.10 -10.47 -15.18
C LEU B 91 22.68 -10.51 -16.60
N ALA B 92 22.83 -9.33 -17.23
CA ALA B 92 23.40 -9.13 -18.58
C ALA B 92 24.82 -9.66 -18.66
N ARG B 93 25.61 -9.38 -17.61
CA ARG B 93 26.98 -9.84 -17.46
C ARG B 93 27.08 -10.66 -16.18
N PRO B 94 27.86 -11.76 -16.13
CA PRO B 94 27.98 -12.50 -14.87
C PRO B 94 28.74 -11.70 -13.81
N ALA B 95 28.39 -11.91 -12.53
CA ALA B 95 29.03 -11.21 -11.41
C ALA B 95 30.44 -11.76 -11.19
N LYS B 96 31.41 -10.85 -11.06
CA LYS B 96 32.80 -11.23 -10.83
C LYS B 96 32.96 -11.33 -9.32
N LEU B 97 33.04 -12.58 -8.81
CA LEU B 97 33.15 -12.86 -7.37
C LEU B 97 34.41 -12.31 -6.76
N SER B 98 34.31 -11.83 -5.51
CA SER B 98 35.41 -11.22 -4.76
C SER B 98 35.11 -11.30 -3.27
N GLU B 99 35.84 -10.54 -2.45
CA GLU B 99 35.59 -10.48 -1.02
C GLU B 99 34.23 -9.86 -0.74
N LEU B 100 33.84 -8.85 -1.55
CA LEU B 100 32.64 -8.04 -1.40
C LEU B 100 31.49 -8.37 -2.40
N ILE B 101 31.65 -9.42 -3.23
CA ILE B 101 30.61 -9.93 -4.17
C ILE B 101 30.63 -11.46 -4.05
N GLN B 102 29.64 -12.03 -3.35
CA GLN B 102 29.54 -13.48 -3.14
C GLN B 102 28.08 -13.93 -3.13
N PRO B 103 27.74 -15.09 -3.74
CA PRO B 103 26.34 -15.56 -3.66
C PRO B 103 25.99 -16.03 -2.25
N LEU B 104 24.68 -16.03 -1.92
CA LEU B 104 24.22 -16.50 -0.61
C LEU B 104 23.52 -17.84 -0.82
N PRO B 105 23.92 -18.94 -0.12
CA PRO B 105 23.23 -20.22 -0.31
C PRO B 105 21.81 -20.20 0.24
N LEU B 106 20.89 -20.85 -0.48
CA LEU B 106 19.48 -20.91 -0.10
C LEU B 106 19.24 -21.90 1.02
N GLU B 107 18.26 -21.61 1.89
CA GLU B 107 17.86 -22.56 2.92
C GLU B 107 16.92 -23.54 2.20
N ARG B 108 17.30 -24.80 2.17
CA ARG B 108 16.54 -25.84 1.47
C ARG B 108 15.52 -26.51 2.41
N ASP B 109 15.78 -26.46 3.73
CA ASP B 109 14.93 -27.07 4.75
C ASP B 109 13.97 -26.06 5.39
N CYS B 110 12.65 -26.25 5.16
CA CYS B 110 11.60 -25.39 5.73
C CYS B 110 11.51 -25.56 7.25
N SER B 111 11.96 -26.72 7.74
CA SER B 111 11.97 -27.11 9.13
C SER B 111 13.18 -26.57 9.93
N ALA B 112 14.21 -25.99 9.24
CA ALA B 112 15.42 -25.44 9.89
C ALA B 112 15.07 -24.68 11.17
N GLN B 113 15.72 -25.04 12.28
CA GLN B 113 15.39 -24.46 13.58
C GLN B 113 16.24 -23.24 14.01
N THR B 114 17.09 -22.69 13.10
CA THR B 114 17.83 -21.46 13.41
C THR B 114 16.82 -20.31 13.32
N THR B 115 16.49 -19.68 14.47
CA THR B 115 15.50 -18.60 14.52
C THR B 115 16.13 -17.22 14.71
N SER B 116 17.41 -17.17 15.11
CA SER B 116 18.14 -15.91 15.28
C SER B 116 18.60 -15.51 13.88
N CYS B 117 18.05 -14.40 13.35
CA CYS B 117 18.31 -13.96 11.98
C CYS B 117 18.70 -12.49 11.87
N HIS B 118 18.94 -12.02 10.63
CA HIS B 118 19.23 -10.62 10.38
C HIS B 118 18.65 -10.16 9.04
N ILE B 119 18.38 -8.86 8.97
CA ILE B 119 17.83 -8.20 7.80
C ILE B 119 18.74 -7.04 7.44
N LEU B 120 18.72 -6.65 6.15
CA LEU B 120 19.56 -5.57 5.65
C LEU B 120 18.92 -4.83 4.47
N GLY B 121 19.29 -3.57 4.31
CA GLY B 121 18.78 -2.75 3.22
C GLY B 121 19.00 -1.26 3.31
N TRP B 122 18.63 -0.57 2.21
CA TRP B 122 18.72 0.88 2.04
C TRP B 122 17.32 1.53 2.05
N GLY B 123 16.36 0.83 2.64
CA GLY B 123 14.98 1.31 2.79
C GLY B 123 14.85 2.40 3.82
N LYS B 124 13.62 2.92 4.03
CA LYS B 124 13.36 3.99 5.00
C LYS B 124 13.80 3.63 6.43
N THR B 125 14.51 4.57 7.10
CA THR B 125 14.93 4.41 8.51
C THR B 125 13.81 4.99 9.42
N ALA B 126 14.00 4.96 10.76
CA ALA B 126 13.02 5.46 11.74
C ALA B 126 12.58 6.92 11.47
N ASP B 127 13.54 7.80 11.12
CA ASP B 127 13.28 9.21 10.80
C ASP B 127 12.54 9.42 9.46
N GLY B 128 12.32 8.35 8.70
CA GLY B 128 11.62 8.41 7.41
C GLY B 128 12.47 8.71 6.20
N ASP B 129 13.77 8.99 6.41
CA ASP B 129 14.71 9.28 5.32
C ASP B 129 15.27 7.99 4.70
N PHE B 130 15.92 8.09 3.53
CA PHE B 130 16.55 6.97 2.84
C PHE B 130 18.05 7.06 3.09
N PRO B 131 18.68 6.03 3.72
CA PRO B 131 20.10 6.15 4.06
C PRO B 131 21.05 5.82 2.91
N ASP B 132 22.18 6.54 2.88
CA ASP B 132 23.24 6.27 1.91
C ASP B 132 23.91 4.93 2.28
N THR B 133 24.14 4.70 3.60
CA THR B 133 24.80 3.49 4.09
C THR B 133 23.77 2.42 4.49
N ILE B 134 23.98 1.19 3.96
CA ILE B 134 23.17 0.00 4.21
C ILE B 134 22.97 -0.23 5.70
N GLN B 135 21.73 -0.51 6.09
CA GLN B 135 21.37 -0.75 7.48
C GLN B 135 21.19 -2.24 7.71
N CYS B 136 21.51 -2.70 8.93
CA CYS B 136 21.44 -4.07 9.41
C CYS B 136 20.71 -4.11 10.74
N ALA B 137 20.08 -5.25 11.06
CA ALA B 137 19.41 -5.47 12.34
C ALA B 137 19.17 -6.94 12.55
N TYR B 138 19.39 -7.41 13.79
CA TYR B 138 19.11 -8.79 14.18
C TYR B 138 17.64 -8.89 14.60
N ILE B 139 16.90 -9.83 13.99
CA ILE B 139 15.50 -10.10 14.28
C ILE B 139 15.32 -11.60 14.50
N HIS B 140 14.16 -12.04 14.95
CA HIS B 140 13.92 -13.43 15.21
C HIS B 140 12.69 -13.94 14.49
N LEU B 141 12.74 -15.20 14.03
CA LEU B 141 11.63 -15.87 13.37
C LEU B 141 10.51 -16.01 14.39
N VAL B 142 9.27 -15.86 13.91
CA VAL B 142 8.06 -15.90 14.70
C VAL B 142 7.27 -17.13 14.21
N SER B 143 6.61 -17.88 15.11
CA SER B 143 5.83 -19.08 14.73
C SER B 143 4.73 -18.72 13.72
N ARG B 144 4.31 -19.69 12.89
CA ARG B 144 3.24 -19.48 11.90
C ARG B 144 1.93 -19.12 12.62
N GLU B 145 1.73 -19.65 13.86
CA GLU B 145 0.56 -19.34 14.70
C GLU B 145 0.55 -17.86 15.10
N GLU B 146 1.71 -17.31 15.50
CA GLU B 146 1.83 -15.89 15.86
C GLU B 146 1.65 -15.01 14.60
N CYS B 147 2.27 -15.42 13.47
CA CYS B 147 2.20 -14.81 12.14
C CYS B 147 0.72 -14.68 11.71
N GLU B 148 -0.04 -15.79 11.78
CA GLU B 148 -1.47 -15.85 11.45
C GLU B 148 -2.34 -15.02 12.38
N HIS B 149 -1.97 -14.95 13.67
CA HIS B 149 -2.70 -14.15 14.64
C HIS B 149 -2.59 -12.65 14.34
N ALA B 150 -1.37 -12.19 13.95
CA ALA B 150 -1.09 -10.80 13.61
C ALA B 150 -1.84 -10.36 12.34
N TYR B 151 -1.97 -11.25 11.34
CA TYR B 151 -2.65 -10.97 10.07
C TYR B 151 -3.69 -12.06 9.76
N PRO B 152 -4.86 -12.09 10.46
CA PRO B 152 -5.86 -13.15 10.19
C PRO B 152 -6.28 -13.28 8.72
N GLY B 153 -6.19 -14.51 8.23
CA GLY B 153 -6.53 -14.91 6.87
C GLY B 153 -5.62 -14.43 5.74
N GLN B 154 -4.45 -13.85 6.08
CA GLN B 154 -3.52 -13.31 5.07
C GLN B 154 -2.19 -14.07 4.93
N ILE B 155 -1.87 -14.96 5.90
CA ILE B 155 -0.62 -15.71 5.87
C ILE B 155 -0.78 -17.09 5.22
N THR B 156 -0.10 -17.29 4.08
CA THR B 156 -0.07 -18.53 3.32
C THR B 156 1.18 -19.31 3.69
N GLN B 157 1.31 -20.57 3.22
CA GLN B 157 2.49 -21.42 3.44
C GLN B 157 3.73 -20.84 2.75
N ASN B 158 3.53 -19.92 1.78
CA ASN B 158 4.56 -19.24 1.01
C ASN B 158 5.11 -17.99 1.70
N MET B 159 4.72 -17.77 2.96
CA MET B 159 5.15 -16.62 3.76
C MET B 159 5.67 -17.08 5.13
N LEU B 160 6.59 -16.32 5.69
CA LEU B 160 7.10 -16.53 7.04
C LEU B 160 7.22 -15.18 7.74
N CYS B 161 7.13 -15.16 9.06
CA CYS B 161 7.17 -13.92 9.83
C CYS B 161 8.41 -13.79 10.67
N ALA B 162 8.88 -12.55 10.85
CA ALA B 162 10.06 -12.24 11.64
C ALA B 162 9.99 -10.83 12.21
N GLY B 163 10.44 -10.68 13.45
CA GLY B 163 10.43 -9.40 14.12
C GLY B 163 11.26 -9.33 15.38
N ASP B 164 11.10 -8.21 16.10
CA ASP B 164 11.79 -7.90 17.34
C ASP B 164 10.82 -7.15 18.24
N GLU B 165 10.36 -7.80 19.32
CA GLU B 165 9.41 -7.17 20.25
C GLU B 165 10.06 -6.11 21.15
N LYS B 166 11.39 -6.19 21.35
CA LYS B 166 12.12 -5.26 22.21
C LYS B 166 12.27 -3.84 21.62
N TYR B 167 12.85 -3.70 20.41
CA TYR B 167 13.07 -2.38 19.79
C TYR B 167 12.25 -2.12 18.52
N GLY B 168 11.48 -3.10 18.08
CA GLY B 168 10.68 -2.98 16.86
C GLY B 168 11.48 -3.06 15.58
N LYS B 169 12.72 -3.61 15.62
CA LYS B 169 13.59 -3.77 14.43
C LYS B 169 12.81 -4.43 13.29
N ASP B 170 12.73 -3.75 12.14
CA ASP B 170 11.91 -4.22 11.03
C ASP B 170 12.36 -3.66 9.68
N SER B 171 11.98 -4.34 8.60
N SER B 171 11.96 -4.33 8.60
CA SER B 171 12.25 -3.90 7.24
CA SER B 171 12.21 -3.90 7.23
C SER B 171 11.18 -2.84 6.88
C SER B 171 11.18 -2.83 6.88
N CYS B 172 11.41 -2.04 5.82
CA CYS B 172 10.51 -0.95 5.42
C CYS B 172 10.49 -0.77 3.89
N GLN B 173 9.77 0.24 3.38
CA GLN B 173 9.71 0.54 1.94
C GLN B 173 11.13 0.85 1.42
N GLY B 174 11.53 0.19 0.35
CA GLY B 174 12.86 0.33 -0.22
C GLY B 174 13.73 -0.87 0.11
N ASP B 175 13.33 -1.65 1.14
CA ASP B 175 14.02 -2.87 1.56
C ASP B 175 13.47 -4.10 0.85
N SER B 176 12.26 -3.99 0.25
CA SER B 176 11.58 -5.06 -0.48
C SER B 176 12.49 -5.82 -1.41
N GLY B 177 12.42 -7.15 -1.34
CA GLY B 177 13.26 -8.01 -2.15
C GLY B 177 14.59 -8.37 -1.50
N GLY B 178 14.90 -7.69 -0.39
CA GLY B 178 16.10 -7.88 0.41
C GLY B 178 16.09 -9.18 1.20
N PRO B 179 17.26 -9.63 1.70
CA PRO B 179 17.30 -10.92 2.39
C PRO B 179 17.03 -10.96 3.88
N LEU B 180 16.42 -12.07 4.32
CA LEU B 180 16.24 -12.46 5.70
C LEU B 180 17.25 -13.61 5.79
N VAL B 181 18.35 -13.37 6.52
CA VAL B 181 19.47 -14.30 6.63
C VAL B 181 19.46 -15.03 7.96
N CYS B 182 19.35 -16.36 7.92
CA CYS B 182 19.34 -17.24 9.10
C CYS B 182 20.41 -18.31 8.94
N GLY B 183 21.36 -18.33 9.88
CA GLY B 183 22.48 -19.26 9.89
C GLY B 183 23.26 -19.29 8.59
N ASP B 184 23.60 -18.08 8.07
CA ASP B 184 24.34 -17.85 6.80
C ASP B 184 23.61 -18.42 5.57
N HIS B 185 22.28 -18.57 5.65
CA HIS B 185 21.46 -19.07 4.54
C HIS B 185 20.30 -18.13 4.26
N LEU B 186 19.86 -18.07 2.99
CA LEU B 186 18.73 -17.24 2.61
C LEU B 186 17.44 -17.93 3.06
N ARG B 187 16.79 -17.37 4.09
CA ARG B 187 15.55 -17.89 4.65
C ARG B 187 14.33 -17.18 4.07
N GLY B 188 14.44 -15.87 3.85
CA GLY B 188 13.34 -15.09 3.32
C GLY B 188 13.68 -13.85 2.53
N LEU B 189 12.65 -13.24 1.92
CA LEU B 189 12.75 -11.99 1.17
C LEU B 189 11.71 -11.00 1.70
N VAL B 190 12.12 -9.74 1.94
CA VAL B 190 11.26 -8.65 2.42
C VAL B 190 10.07 -8.56 1.45
N SER B 191 8.84 -8.77 1.96
CA SER B 191 7.66 -8.74 1.11
C SER B 191 6.66 -7.65 1.50
N TRP B 192 6.12 -7.72 2.74
CA TRP B 192 5.17 -6.76 3.26
C TRP B 192 5.17 -6.78 4.78
N GLY B 193 4.31 -5.98 5.38
CA GLY B 193 4.21 -5.92 6.83
C GLY B 193 3.46 -4.71 7.33
N ASN B 194 3.76 -4.34 8.57
CA ASN B 194 3.13 -3.23 9.25
C ASN B 194 3.55 -1.86 8.77
N ILE B 195 2.57 -0.94 8.77
CA ILE B 195 2.72 0.49 8.48
C ILE B 195 2.08 1.27 9.67
N PRO B 196 2.84 2.15 10.37
CA PRO B 196 4.27 2.50 10.17
C PRO B 196 5.15 1.27 10.38
N CYS B 197 6.32 1.24 9.73
CA CYS B 197 7.26 0.14 9.89
C CYS B 197 7.71 0.06 11.35
N GLY B 198 7.85 -1.16 11.84
CA GLY B 198 8.17 -1.46 13.22
C GLY B 198 7.46 -2.74 13.57
N SER B 199 8.16 -3.68 14.21
CA SER B 199 7.61 -5.01 14.49
C SER B 199 7.34 -5.35 15.97
N LYS B 200 7.14 -4.34 16.83
CA LYS B 200 6.83 -4.55 18.25
C LYS B 200 5.51 -5.31 18.46
N GLU B 201 4.49 -4.98 17.66
CA GLU B 201 3.16 -5.60 17.74
C GLU B 201 2.93 -6.61 16.62
N LYS B 202 3.27 -6.24 15.37
CA LYS B 202 3.10 -7.10 14.20
C LYS B 202 4.43 -7.35 13.48
N PRO B 203 4.83 -8.62 13.25
CA PRO B 203 6.11 -8.86 12.57
C PRO B 203 6.06 -8.61 11.07
N GLY B 204 7.23 -8.48 10.46
CA GLY B 204 7.37 -8.34 9.02
C GLY B 204 7.07 -9.66 8.36
N VAL B 205 6.49 -9.61 7.16
CA VAL B 205 6.13 -10.81 6.40
C VAL B 205 7.17 -10.97 5.31
N TYR B 206 7.71 -12.17 5.19
CA TYR B 206 8.79 -12.50 4.27
C TYR B 206 8.43 -13.66 3.37
N THR B 207 8.86 -13.63 2.09
CA THR B 207 8.62 -14.75 1.16
C THR B 207 9.40 -15.94 1.76
N ASN B 208 8.75 -17.11 1.87
CA ASN B 208 9.34 -18.31 2.47
C ASN B 208 10.19 -18.99 1.38
N VAL B 209 11.47 -18.60 1.29
CA VAL B 209 12.42 -19.02 0.25
C VAL B 209 12.55 -20.56 0.11
N CYS B 210 12.56 -21.32 1.24
CA CYS B 210 12.67 -22.80 1.26
C CYS B 210 11.65 -23.51 0.35
N ARG B 211 10.49 -22.87 0.11
CA ARG B 211 9.41 -23.41 -0.71
C ARG B 211 9.68 -23.35 -2.22
N TYR B 212 10.70 -22.57 -2.65
CA TYR B 212 11.00 -22.34 -4.06
C TYR B 212 12.26 -23.03 -4.58
N THR B 213 12.78 -24.03 -3.83
CA THR B 213 13.98 -24.82 -4.19
C THR B 213 13.92 -25.34 -5.64
N ASN B 214 12.82 -26.02 -6.00
CA ASN B 214 12.60 -26.60 -7.32
C ASN B 214 12.41 -25.55 -8.42
N TRP B 215 11.53 -24.54 -8.18
CA TRP B 215 11.28 -23.47 -9.17
C TRP B 215 12.56 -22.67 -9.48
N ILE B 216 13.43 -22.42 -8.47
CA ILE B 216 14.69 -21.70 -8.70
C ILE B 216 15.64 -22.55 -9.55
N GLN B 217 15.80 -23.85 -9.19
CA GLN B 217 16.64 -24.81 -9.89
C GLN B 217 16.26 -24.94 -11.38
N LYS B 218 14.95 -25.08 -11.69
CA LYS B 218 14.41 -25.21 -13.06
C LYS B 218 14.62 -23.95 -13.92
N THR B 219 14.51 -22.76 -13.30
CA THR B 219 14.70 -21.47 -13.99
C THR B 219 16.18 -21.25 -14.35
N ILE B 220 17.10 -21.54 -13.40
CA ILE B 220 18.55 -21.39 -13.58
C ILE B 220 19.09 -22.39 -14.64
N GLN B 221 18.62 -23.65 -14.65
CA GLN B 221 19.06 -24.67 -15.62
C GLN B 221 18.63 -24.39 -17.06
#